data_1WO2
#
_entry.id   1WO2
#
_cell.length_a   70.090
_cell.length_b   113.298
_cell.length_c   117.221
_cell.angle_alpha   90.00
_cell.angle_beta   90.00
_cell.angle_gamma   90.00
#
_symmetry.space_group_name_H-M   'P 21 21 21'
#
loop_
_entity.id
_entity.type
_entity.pdbx_description
1 polymer 'Alpha-amylase, pancreatic'
2 branched alpha-D-glucopyranose-(1-4)-alpha-D-glucopyranose-(1-4)-beta-D-glucopyranose
3 branched alpha-D-glucopyranose-(1-4)-beta-D-glucopyranose
4 non-polymer 'CHLORIDE ION'
5 non-polymer 'CALCIUM ION'
6 non-polymer 1,2-ETHANEDIOL
7 water water
#
_entity_poly.entity_id   1
_entity_poly.type   'polypeptide(L)'
_entity_poly.pdbx_seq_one_letter_code
;(PCA)YAPQTQSGRTSIVHLFEWRWVDIALECERYLGPKGFGGVQVSPPNENIVVTNPSRPWWERYQPVSYKLCTRSGNE
NEFRDMVTRCNNVGVRIYVDAVINHMCGSGAAAGTGTTCGSYCNPGNREFPAVPYSAWDFNDGKCKTASGGIESYNDPYQ
VRDCQLVGLLDLALEKDYVRSMIADYLNKLIDIGVAGFRIDASKHMWPGDIKAVLDKLHNLNTNWFPAGSRPFIFQEVID
LGGEAIKSSEYFGNGRVTEFKYGAKLGTVVRKWSGEKMSYLKNWGEGWGFMPSDRALVFVDNHDNQRGHGAGGSSILTFW
DARLYKIAVGFMLAHPYGFTRVMSSYRWARNFVNGEDVNDWIGPPNNNGVIKEVTINADTTCGNDWVCEHRWREIRNMVW
FRNVVDGQPFANWWDNGSNQVAFGRGNRGFIVFNNDDWQLSSTLQTGLPGGTYCDVISGDKVGNSCTGIKVYVSSDGTAQ
FSISNSAEDPFIAIHAESKL
;
_entity_poly.pdbx_strand_id   A
#
loop_
_chem_comp.id
_chem_comp.type
_chem_comp.name
_chem_comp.formula
BGC D-saccharide, beta linking beta-D-glucopyranose 'C6 H12 O6'
CA non-polymer 'CALCIUM ION' 'Ca 2'
CL non-polymer 'CHLORIDE ION' 'Cl -1'
EDO non-polymer 1,2-ETHANEDIOL 'C2 H6 O2'
GLC D-saccharide, alpha linking alpha-D-glucopyranose 'C6 H12 O6'
#
# COMPACT_ATOMS: atom_id res chain seq x y z
N PCA A 1 -5.02 -17.13 -3.38
CA PCA A 1 -5.06 -15.71 -3.76
CB PCA A 1 -6.53 -15.57 -3.84
CG PCA A 1 -6.82 -17.01 -4.38
CD PCA A 1 -5.92 -18.08 -3.65
OE PCA A 1 -6.27 -19.25 -3.54
C PCA A 1 -4.24 -14.99 -2.70
O PCA A 1 -4.08 -13.77 -2.74
N TYR A 2 -3.78 -15.76 -1.72
CA TYR A 2 -3.03 -15.24 -0.58
C TYR A 2 -1.53 -15.05 -0.79
N ALA A 3 -0.93 -15.87 -1.64
CA ALA A 3 0.51 -15.74 -1.91
C ALA A 3 0.75 -14.49 -2.74
N PRO A 4 1.70 -13.63 -2.31
CA PRO A 4 2.01 -12.39 -3.03
C PRO A 4 2.56 -12.58 -4.44
N GLN A 5 3.16 -13.75 -4.69
CA GLN A 5 3.74 -14.10 -5.98
C GLN A 5 4.97 -13.25 -6.35
N THR A 6 5.61 -12.68 -5.35
CA THR A 6 6.84 -11.91 -5.56
C THR A 6 7.92 -12.96 -5.75
N GLN A 7 9.08 -12.57 -6.27
CA GLN A 7 10.17 -13.54 -6.41
C GLN A 7 10.53 -13.97 -5.00
N SER A 8 10.90 -15.24 -4.85
CA SER A 8 11.27 -15.81 -3.55
C SER A 8 12.25 -14.92 -2.79
N GLY A 9 11.92 -14.64 -1.54
CA GLY A 9 12.79 -13.82 -0.72
C GLY A 9 12.43 -12.35 -0.68
N ARG A 10 11.65 -11.87 -1.66
CA ARG A 10 11.24 -10.46 -1.68
C ARG A 10 9.92 -10.37 -0.91
N THR A 11 9.93 -9.57 0.16
CA THR A 11 8.79 -9.48 1.07
C THR A 11 7.91 -8.20 1.13
N SER A 12 8.14 -7.24 0.24
CA SER A 12 7.34 -6.01 0.26
C SER A 12 6.99 -5.49 -1.12
N ILE A 13 5.95 -4.66 -1.16
CA ILE A 13 5.54 -4.00 -2.39
C ILE A 13 5.50 -2.51 -2.05
N VAL A 14 5.66 -1.65 -3.06
CA VAL A 14 5.63 -0.22 -2.83
C VAL A 14 4.56 0.41 -3.71
N HIS A 15 3.78 1.32 -3.12
CA HIS A 15 2.73 2.01 -3.85
C HIS A 15 3.34 3.25 -4.50
N LEU A 16 3.62 3.17 -5.80
CA LEU A 16 4.18 4.32 -6.52
C LEU A 16 2.98 5.13 -7.03
N PHE A 17 2.34 5.80 -6.08
CA PHE A 17 1.14 6.63 -6.26
C PHE A 17 1.26 7.70 -7.33
N GLU A 18 0.46 7.57 -8.39
CA GLU A 18 0.41 8.50 -9.52
C GLU A 18 1.64 8.55 -10.42
N TRP A 19 2.56 7.59 -10.25
CA TRP A 19 3.75 7.54 -11.10
C TRP A 19 3.38 7.09 -12.52
N ARG A 20 4.11 7.61 -13.50
N ARG A 20 4.08 7.62 -13.51
CA ARG A 20 3.92 7.26 -14.91
CA ARG A 20 3.85 7.24 -14.90
C ARG A 20 4.58 5.90 -15.17
C ARG A 20 4.57 5.92 -15.18
N TRP A 21 4.03 5.16 -16.12
CA TRP A 21 4.59 3.84 -16.47
C TRP A 21 6.07 3.82 -16.82
N VAL A 22 6.51 4.79 -17.62
CA VAL A 22 7.92 4.86 -18.02
C VAL A 22 8.85 5.09 -16.82
N ASP A 23 8.40 5.88 -15.86
CA ASP A 23 9.20 6.16 -14.67
C ASP A 23 9.28 4.93 -13.77
N ILE A 24 8.19 4.16 -13.72
CA ILE A 24 8.15 2.95 -12.91
C ILE A 24 9.07 1.89 -13.53
N ALA A 25 9.04 1.80 -14.86
CA ALA A 25 9.89 0.84 -15.58
C ALA A 25 11.36 1.12 -15.28
N LEU A 26 11.76 2.38 -15.36
CA LEU A 26 13.14 2.78 -15.07
C LEU A 26 13.45 2.52 -13.60
N GLU A 27 12.50 2.81 -12.72
CA GLU A 27 12.69 2.61 -11.28
C GLU A 27 12.94 1.15 -10.95
N CYS A 28 12.24 0.24 -11.62
CA CYS A 28 12.42 -1.19 -11.39
C CYS A 28 13.86 -1.58 -11.72
N GLU A 29 14.36 -1.11 -12.86
CA GLU A 29 15.71 -1.43 -13.30
C GLU A 29 16.84 -0.79 -12.50
N ARG A 30 16.72 0.50 -12.23
CA ARG A 30 17.77 1.21 -11.51
C ARG A 30 17.72 1.13 -9.99
N TYR A 31 16.58 0.73 -9.43
CA TYR A 31 16.44 0.71 -7.99
C TYR A 31 15.70 -0.46 -7.32
N LEU A 32 14.42 -0.64 -7.66
CA LEU A 32 13.61 -1.69 -7.05
C LEU A 32 14.17 -3.10 -7.20
N GLY A 33 14.65 -3.43 -8.39
CA GLY A 33 15.24 -4.74 -8.62
C GLY A 33 16.46 -4.94 -7.74
N PRO A 34 17.52 -4.13 -7.91
CA PRO A 34 18.75 -4.19 -7.14
C PRO A 34 18.54 -4.12 -5.61
N LYS A 35 17.57 -3.33 -5.18
CA LYS A 35 17.30 -3.17 -3.75
C LYS A 35 16.34 -4.16 -3.10
N GLY A 36 16.02 -5.24 -3.82
CA GLY A 36 15.16 -6.28 -3.28
C GLY A 36 13.68 -6.03 -3.05
N PHE A 37 13.10 -5.02 -3.70
CA PHE A 37 11.67 -4.75 -3.55
C PHE A 37 10.90 -5.81 -4.32
N GLY A 38 9.85 -6.35 -3.70
CA GLY A 38 9.06 -7.38 -4.32
C GLY A 38 8.14 -6.95 -5.46
N GLY A 39 7.60 -5.74 -5.38
CA GLY A 39 6.72 -5.28 -6.42
C GLY A 39 6.23 -3.86 -6.27
N VAL A 40 5.33 -3.47 -7.16
CA VAL A 40 4.78 -2.13 -7.19
C VAL A 40 3.27 -2.12 -7.37
N GLN A 41 2.58 -1.34 -6.53
CA GLN A 41 1.15 -1.18 -6.69
C GLN A 41 1.03 0.09 -7.54
N VAL A 42 0.44 -0.04 -8.72
CA VAL A 42 0.28 1.10 -9.61
C VAL A 42 -1.09 1.72 -9.46
N SER A 43 -1.23 2.98 -9.87
CA SER A 43 -2.51 3.66 -9.84
C SER A 43 -3.39 3.00 -10.93
N PRO A 44 -4.72 3.21 -10.89
CA PRO A 44 -5.61 2.61 -11.89
C PRO A 44 -5.13 2.84 -13.33
N PRO A 45 -4.84 1.77 -14.07
CA PRO A 45 -4.36 1.85 -15.46
C PRO A 45 -5.46 2.00 -16.52
N ASN A 46 -6.71 1.94 -16.09
CA ASN A 46 -7.84 2.06 -17.02
C ASN A 46 -8.29 3.52 -17.16
N GLU A 47 -8.90 3.82 -18.29
CA GLU A 47 -9.38 5.16 -18.59
C GLU A 47 -10.37 5.70 -17.58
N ASN A 48 -10.16 6.94 -17.15
CA ASN A 48 -11.04 7.59 -16.20
C ASN A 48 -11.58 8.91 -16.75
N ILE A 49 -12.57 9.47 -16.08
CA ILE A 49 -13.16 10.75 -16.50
C ILE A 49 -12.24 11.89 -16.07
N VAL A 50 -12.16 12.93 -16.89
CA VAL A 50 -11.35 14.08 -16.54
C VAL A 50 -12.17 14.96 -15.61
N VAL A 51 -11.57 15.40 -14.51
CA VAL A 51 -12.26 16.29 -13.56
C VAL A 51 -11.56 17.66 -13.66
N THR A 52 -12.32 18.68 -14.05
CA THR A 52 -11.77 20.03 -14.19
C THR A 52 -12.05 20.92 -12.98
N ASN A 53 -12.92 20.45 -12.09
CA ASN A 53 -13.28 21.18 -10.88
C ASN A 53 -13.34 20.23 -9.68
N PRO A 54 -12.26 20.16 -8.87
CA PRO A 54 -11.01 20.91 -9.02
C PRO A 54 -10.19 20.39 -10.21
N SER A 55 -9.13 21.11 -10.55
CA SER A 55 -8.29 20.76 -11.70
C SER A 55 -7.41 19.52 -11.54
N ARG A 56 -7.84 18.44 -12.21
CA ARG A 56 -7.14 17.16 -12.22
C ARG A 56 -6.73 16.61 -10.85
N PRO A 57 -7.72 16.33 -9.99
CA PRO A 57 -7.39 15.81 -8.66
C PRO A 57 -6.90 14.38 -8.78
N TRP A 58 -6.24 13.87 -7.75
CA TRP A 58 -5.75 12.50 -7.78
C TRP A 58 -6.94 11.54 -7.89
N TRP A 59 -8.04 11.89 -7.23
CA TRP A 59 -9.23 11.05 -7.22
C TRP A 59 -10.05 10.86 -8.49
N GLU A 60 -9.71 11.57 -9.56
CA GLU A 60 -10.45 11.39 -10.82
C GLU A 60 -10.17 9.98 -11.36
N ARG A 61 -9.05 9.40 -10.95
CA ARG A 61 -8.66 8.06 -11.39
C ARG A 61 -9.52 6.95 -10.79
N TYR A 62 -10.38 7.31 -9.85
CA TYR A 62 -11.30 6.35 -9.23
C TYR A 62 -12.70 6.47 -9.82
N GLN A 63 -12.76 7.07 -11.01
CA GLN A 63 -14.01 7.24 -11.75
C GLN A 63 -13.81 6.72 -13.16
N PRO A 64 -13.87 5.38 -13.33
CA PRO A 64 -13.68 4.73 -14.63
C PRO A 64 -14.72 5.10 -15.68
N VAL A 65 -14.30 5.15 -16.95
CA VAL A 65 -15.21 5.41 -18.06
C VAL A 65 -15.07 4.27 -19.08
N SER A 66 -14.01 3.47 -18.95
CA SER A 66 -13.76 2.31 -19.80
C SER A 66 -12.62 1.49 -19.21
N TYR A 67 -12.28 0.39 -19.87
CA TYR A 67 -11.19 -0.45 -19.42
C TYR A 67 -9.95 -0.34 -20.31
N LYS A 68 -9.93 0.67 -21.17
CA LYS A 68 -8.78 0.91 -22.05
C LYS A 68 -7.61 1.32 -21.15
N LEU A 69 -6.43 0.78 -21.42
CA LEU A 69 -5.24 1.11 -20.63
C LEU A 69 -4.71 2.42 -21.20
N CYS A 70 -5.37 3.51 -20.81
CA CYS A 70 -5.05 4.83 -21.32
C CYS A 70 -5.36 5.88 -20.26
N THR A 71 -4.30 6.34 -19.58
CA THR A 71 -4.40 7.29 -18.49
C THR A 71 -3.25 8.30 -18.51
N ARG A 72 -3.22 9.17 -17.49
CA ARG A 72 -2.16 10.16 -17.36
C ARG A 72 -0.82 9.48 -17.07
N SER A 73 -0.87 8.22 -16.63
CA SER A 73 0.34 7.46 -16.37
C SER A 73 0.92 6.93 -17.68
N GLY A 74 0.07 6.80 -18.70
CA GLY A 74 0.54 6.30 -19.99
C GLY A 74 -0.47 5.49 -20.79
N ASN A 75 -0.07 5.08 -21.99
CA ASN A 75 -0.93 4.28 -22.86
C ASN A 75 -0.63 2.79 -22.71
N GLU A 76 -1.26 1.96 -23.52
CA GLU A 76 -1.08 0.51 -23.43
C GLU A 76 0.34 0.05 -23.72
N ASN A 77 0.98 0.61 -24.75
CA ASN A 77 2.36 0.23 -25.07
C ASN A 77 3.28 0.49 -23.89
N GLU A 78 3.12 1.65 -23.26
CA GLU A 78 3.94 2.02 -22.11
C GLU A 78 3.64 1.13 -20.90
N PHE A 79 2.37 0.74 -20.74
CA PHE A 79 2.00 -0.12 -19.62
C PHE A 79 2.65 -1.49 -19.79
N ARG A 80 2.52 -2.06 -20.99
CA ARG A 80 3.11 -3.37 -21.31
C ARG A 80 4.63 -3.34 -21.13
N ASP A 81 5.24 -2.27 -21.62
CA ASP A 81 6.68 -2.08 -21.53
C ASP A 81 7.13 -2.10 -20.06
N MET A 82 6.35 -1.43 -19.21
CA MET A 82 6.64 -1.36 -17.78
C MET A 82 6.54 -2.75 -17.13
N VAL A 83 5.45 -3.47 -17.41
CA VAL A 83 5.26 -4.79 -16.83
C VAL A 83 6.39 -5.75 -17.25
N THR A 84 6.76 -5.72 -18.52
CA THR A 84 7.83 -6.57 -19.04
C THR A 84 9.18 -6.26 -18.39
N ARG A 85 9.56 -4.98 -18.40
CA ARG A 85 10.82 -4.53 -17.84
C ARG A 85 10.93 -4.80 -16.35
N CYS A 86 9.85 -4.56 -15.61
CA CYS A 86 9.85 -4.79 -14.17
C CYS A 86 9.96 -6.29 -13.87
N ASN A 87 9.15 -7.09 -14.56
CA ASN A 87 9.19 -8.54 -14.36
C ASN A 87 10.57 -9.11 -14.71
N ASN A 88 11.20 -8.54 -15.74
CA ASN A 88 12.53 -9.00 -16.17
C ASN A 88 13.62 -8.77 -15.12
N VAL A 89 13.40 -7.86 -14.19
CA VAL A 89 14.37 -7.62 -13.12
C VAL A 89 13.84 -8.12 -11.77
N GLY A 90 12.82 -8.99 -11.81
CA GLY A 90 12.25 -9.55 -10.59
C GLY A 90 11.35 -8.69 -9.74
N VAL A 91 10.75 -7.65 -10.34
CA VAL A 91 9.85 -6.76 -9.61
C VAL A 91 8.45 -6.90 -10.22
N ARG A 92 7.47 -7.29 -9.40
CA ARG A 92 6.10 -7.49 -9.85
C ARG A 92 5.27 -6.20 -9.92
N ILE A 93 4.17 -6.28 -10.69
CA ILE A 93 3.24 -5.17 -10.84
C ILE A 93 1.88 -5.65 -10.32
N TYR A 94 1.28 -4.84 -9.45
CA TYR A 94 -0.03 -5.15 -8.88
C TYR A 94 -0.93 -3.99 -9.26
N VAL A 95 -2.02 -4.29 -9.96
CA VAL A 95 -2.96 -3.29 -10.43
C VAL A 95 -4.09 -2.90 -9.48
N ASP A 96 -4.31 -1.59 -9.36
CA ASP A 96 -5.38 -1.04 -8.53
C ASP A 96 -6.63 -1.20 -9.41
N ALA A 97 -7.40 -2.26 -9.14
CA ALA A 97 -8.62 -2.57 -9.88
C ALA A 97 -9.87 -1.86 -9.36
N VAL A 98 -10.35 -0.87 -10.12
CA VAL A 98 -11.53 -0.11 -9.76
C VAL A 98 -12.68 -0.77 -10.51
N ILE A 99 -13.42 -1.64 -9.80
CA ILE A 99 -14.50 -2.41 -10.40
C ILE A 99 -15.88 -2.32 -9.76
N ASN A 100 -15.99 -1.65 -8.63
CA ASN A 100 -17.28 -1.50 -7.94
C ASN A 100 -18.18 -0.48 -8.65
N HIS A 101 -17.57 0.42 -9.40
CA HIS A 101 -18.33 1.50 -10.04
C HIS A 101 -17.65 2.09 -11.27
N MET A 102 -18.37 3.01 -11.91
CA MET A 102 -17.85 3.75 -13.05
C MET A 102 -17.68 5.18 -12.51
N CYS A 103 -17.94 6.20 -13.32
CA CYS A 103 -17.77 7.59 -12.84
C CYS A 103 -18.95 8.15 -12.04
N GLY A 104 -18.83 9.41 -11.61
CA GLY A 104 -19.89 10.05 -10.85
C GLY A 104 -21.17 10.16 -11.65
N SER A 105 -22.29 9.86 -11.02
CA SER A 105 -23.61 9.93 -11.65
C SER A 105 -24.00 11.34 -12.06
N GLY A 106 -23.30 12.33 -11.48
CA GLY A 106 -23.59 13.72 -11.79
C GLY A 106 -22.69 14.30 -12.86
N ALA A 107 -21.76 13.49 -13.36
CA ALA A 107 -20.83 13.93 -14.40
C ALA A 107 -21.52 14.24 -15.73
N ALA A 108 -20.93 15.14 -16.50
CA ALA A 108 -21.47 15.51 -17.81
C ALA A 108 -21.14 14.49 -18.89
N ALA A 109 -21.98 14.46 -19.93
CA ALA A 109 -21.81 13.56 -21.06
C ALA A 109 -20.82 14.18 -22.02
N GLY A 110 -19.99 13.35 -22.64
CA GLY A 110 -19.01 13.86 -23.58
C GLY A 110 -17.76 13.01 -23.67
N THR A 111 -16.72 13.56 -24.27
CA THR A 111 -15.44 12.87 -24.44
C THR A 111 -14.31 13.44 -23.58
N GLY A 112 -14.69 14.15 -22.51
CA GLY A 112 -13.71 14.71 -21.59
C GLY A 112 -13.24 13.59 -20.68
N THR A 113 -12.50 12.67 -21.28
CA THR A 113 -12.00 11.46 -20.62
C THR A 113 -10.52 11.31 -20.94
N THR A 114 -9.80 10.46 -20.20
CA THR A 114 -8.37 10.30 -20.44
C THR A 114 -7.92 9.73 -21.79
N CYS A 115 -8.81 9.03 -22.49
CA CYS A 115 -8.47 8.48 -23.80
C CYS A 115 -9.42 8.99 -24.89
N GLY A 116 -10.32 9.88 -24.52
CA GLY A 116 -11.25 10.43 -25.49
C GLY A 116 -12.49 9.60 -25.72
N SER A 117 -12.70 8.55 -24.92
CA SER A 117 -13.90 7.73 -25.08
C SER A 117 -15.11 8.54 -24.68
N TYR A 118 -16.25 8.21 -25.27
CA TYR A 118 -17.49 8.88 -24.96
C TYR A 118 -18.20 8.16 -23.82
N CYS A 119 -18.95 8.92 -23.05
CA CYS A 119 -19.75 8.37 -21.97
C CYS A 119 -20.83 9.37 -21.63
N ASN A 120 -21.98 8.87 -21.21
CA ASN A 120 -23.10 9.70 -20.82
C ASN A 120 -23.52 9.16 -19.45
N PRO A 121 -22.91 9.67 -18.38
CA PRO A 121 -23.21 9.26 -17.00
C PRO A 121 -24.67 9.35 -16.62
N GLY A 122 -25.34 10.43 -17.02
CA GLY A 122 -26.75 10.62 -16.73
C GLY A 122 -27.63 9.50 -17.24
N ASN A 123 -27.28 8.95 -18.40
CA ASN A 123 -28.05 7.86 -18.98
C ASN A 123 -27.34 6.51 -18.80
N ARG A 124 -26.30 6.48 -17.98
CA ARG A 124 -25.53 5.27 -17.70
C ARG A 124 -24.95 4.61 -18.95
N GLU A 125 -24.53 5.42 -19.91
CA GLU A 125 -23.97 4.92 -21.17
C GLU A 125 -22.46 4.96 -21.17
N PHE A 126 -21.83 3.80 -21.35
CA PHE A 126 -20.38 3.70 -21.42
C PHE A 126 -20.08 2.76 -22.60
N PRO A 127 -20.30 3.27 -23.84
CA PRO A 127 -20.09 2.53 -25.08
C PRO A 127 -18.72 1.89 -25.32
N ALA A 128 -17.69 2.40 -24.65
CA ALA A 128 -16.34 1.83 -24.80
C ALA A 128 -16.15 0.51 -24.06
N VAL A 129 -17.08 0.17 -23.17
CA VAL A 129 -17.00 -1.07 -22.41
C VAL A 129 -17.53 -2.31 -23.15
N PRO A 130 -18.84 -2.35 -23.48
CA PRO A 130 -19.89 -1.37 -23.24
C PRO A 130 -20.79 -1.68 -22.03
N TYR A 131 -21.31 -0.64 -21.40
CA TYR A 131 -22.21 -0.75 -20.27
C TYR A 131 -23.41 0.14 -20.60
N SER A 132 -24.59 -0.24 -20.12
CA SER A 132 -25.80 0.54 -20.33
C SER A 132 -26.50 0.58 -18.97
N ALA A 133 -27.66 1.24 -18.89
CA ALA A 133 -28.42 1.35 -17.65
C ALA A 133 -28.70 0.01 -16.96
N TRP A 134 -28.90 -1.03 -17.76
CA TRP A 134 -29.18 -2.38 -17.25
C TRP A 134 -28.03 -2.96 -16.42
N ASP A 135 -26.85 -2.38 -16.57
CA ASP A 135 -25.65 -2.86 -15.87
C ASP A 135 -25.32 -2.16 -14.55
N PHE A 136 -26.26 -1.37 -14.04
CA PHE A 136 -26.07 -0.66 -12.77
C PHE A 136 -27.12 -1.00 -11.72
N ASN A 137 -26.79 -0.76 -10.45
CA ASN A 137 -27.63 -1.04 -9.28
C ASN A 137 -28.71 -0.04 -8.91
N ASP A 138 -29.07 0.86 -9.81
CA ASP A 138 -30.08 1.86 -9.47
C ASP A 138 -31.40 1.34 -8.85
N GLY A 139 -31.96 0.26 -9.40
CA GLY A 139 -33.20 -0.28 -8.84
C GLY A 139 -33.04 -1.13 -7.58
N LYS A 140 -31.88 -1.76 -7.44
CA LYS A 140 -31.57 -2.63 -6.31
C LYS A 140 -31.41 -1.84 -5.00
N CYS A 141 -30.88 -0.62 -5.11
CA CYS A 141 -30.69 0.24 -3.94
C CYS A 141 -32.04 0.68 -3.39
N LYS A 142 -32.23 0.50 -2.08
CA LYS A 142 -33.50 0.86 -1.44
C LYS A 142 -33.56 2.20 -0.70
N THR A 143 -32.48 2.96 -0.69
CA THR A 143 -32.50 4.25 0.00
C THR A 143 -33.20 5.30 -0.86
N ALA A 144 -33.78 6.31 -0.21
CA ALA A 144 -34.49 7.37 -0.92
C ALA A 144 -33.56 8.23 -1.78
N SER A 145 -32.33 8.42 -1.33
CA SER A 145 -31.37 9.23 -2.07
C SER A 145 -30.66 8.44 -3.17
N GLY A 146 -30.62 7.13 -3.03
CA GLY A 146 -29.92 6.30 -4.01
C GLY A 146 -28.47 6.14 -3.60
N GLY A 147 -28.08 6.79 -2.51
CA GLY A 147 -26.72 6.70 -2.01
C GLY A 147 -26.67 6.01 -0.65
N ILE A 148 -25.45 5.81 -0.15
CA ILE A 148 -25.25 5.17 1.15
C ILE A 148 -25.57 6.19 2.25
N GLU A 149 -26.61 5.90 3.03
CA GLU A 149 -27.03 6.78 4.12
C GLU A 149 -26.65 6.22 5.49
N SER A 150 -26.47 4.91 5.57
CA SER A 150 -26.13 4.26 6.83
C SER A 150 -25.22 3.05 6.62
N TYR A 151 -24.06 3.07 7.25
CA TYR A 151 -23.12 1.97 7.16
C TYR A 151 -23.52 0.81 8.06
N ASN A 152 -24.59 1.01 8.85
CA ASN A 152 -25.06 -0.04 9.74
C ASN A 152 -25.90 -1.07 8.95
N ASP A 153 -26.22 -0.73 7.71
CA ASP A 153 -26.99 -1.61 6.84
C ASP A 153 -26.09 -2.10 5.70
N PRO A 154 -25.63 -3.36 5.76
CA PRO A 154 -24.75 -3.96 4.75
C PRO A 154 -25.30 -3.92 3.34
N TYR A 155 -26.62 -3.92 3.21
CA TYR A 155 -27.26 -3.90 1.90
C TYR A 155 -27.04 -2.62 1.12
N GLN A 156 -27.31 -1.47 1.75
CA GLN A 156 -27.13 -0.20 1.05
C GLN A 156 -25.65 0.13 0.82
N VAL A 157 -24.78 -0.36 1.70
CA VAL A 157 -23.35 -0.13 1.55
C VAL A 157 -22.86 -0.80 0.25
N ARG A 158 -23.45 -1.96 -0.06
CA ARG A 158 -23.09 -2.71 -1.27
C ARG A 158 -23.88 -2.38 -2.52
N ASP A 159 -25.16 -2.04 -2.35
CA ASP A 159 -26.05 -1.79 -3.49
C ASP A 159 -26.31 -0.35 -3.89
N CYS A 160 -25.95 0.59 -3.02
CA CYS A 160 -26.16 2.00 -3.31
C CYS A 160 -24.88 2.72 -3.72
N GLN A 161 -25.01 3.96 -4.18
CA GLN A 161 -23.88 4.76 -4.64
C GLN A 161 -22.96 5.29 -3.56
N LEU A 162 -21.66 5.02 -3.73
CA LEU A 162 -20.62 5.48 -2.83
C LEU A 162 -20.26 6.86 -3.37
N VAL A 163 -20.48 7.90 -2.56
CA VAL A 163 -20.23 9.30 -2.94
C VAL A 163 -20.68 9.65 -4.36
N GLY A 164 -21.89 9.21 -4.70
CA GLY A 164 -22.46 9.51 -6.01
C GLY A 164 -21.94 8.71 -7.20
N LEU A 165 -21.08 7.72 -6.95
CA LEU A 165 -20.51 6.91 -8.02
C LEU A 165 -21.49 5.86 -8.56
N LEU A 166 -21.61 5.79 -9.89
CA LEU A 166 -22.51 4.83 -10.53
C LEU A 166 -22.12 3.41 -10.13
N ASP A 167 -22.98 2.78 -9.35
CA ASP A 167 -22.73 1.43 -8.83
C ASP A 167 -23.03 0.30 -9.81
N LEU A 168 -22.00 -0.44 -10.20
CA LEU A 168 -22.15 -1.54 -11.14
C LEU A 168 -22.93 -2.71 -10.55
N ALA A 169 -23.78 -3.33 -11.37
CA ALA A 169 -24.60 -4.46 -10.95
C ALA A 169 -23.73 -5.73 -10.98
N LEU A 170 -22.93 -5.88 -9.93
CA LEU A 170 -22.01 -7.01 -9.81
C LEU A 170 -22.60 -8.40 -9.66
N GLU A 171 -23.93 -8.48 -9.55
CA GLU A 171 -24.61 -9.77 -9.45
C GLU A 171 -24.75 -10.36 -10.87
N LYS A 172 -24.74 -9.49 -11.87
CA LYS A 172 -24.88 -9.90 -13.27
C LYS A 172 -23.63 -10.53 -13.86
N ASP A 173 -23.81 -11.66 -14.54
CA ASP A 173 -22.69 -12.36 -15.14
C ASP A 173 -22.07 -11.51 -16.24
N TYR A 174 -22.88 -10.68 -16.90
CA TYR A 174 -22.38 -9.80 -17.95
C TYR A 174 -21.35 -8.83 -17.37
N VAL A 175 -21.68 -8.22 -16.24
CA VAL A 175 -20.80 -7.27 -15.57
C VAL A 175 -19.56 -7.97 -15.00
N ARG A 176 -19.78 -9.10 -14.33
CA ARG A 176 -18.69 -9.89 -13.75
C ARG A 176 -17.69 -10.29 -14.84
N SER A 177 -18.23 -10.67 -16.00
CA SER A 177 -17.43 -11.10 -17.14
C SER A 177 -16.67 -9.96 -17.79
N MET A 178 -17.32 -8.80 -17.88
CA MET A 178 -16.71 -7.62 -18.48
C MET A 178 -15.49 -7.22 -17.63
N ILE A 179 -15.67 -7.28 -16.31
CA ILE A 179 -14.60 -6.97 -15.37
C ILE A 179 -13.49 -8.01 -15.48
N ALA A 180 -13.87 -9.29 -15.52
CA ALA A 180 -12.90 -10.38 -15.64
C ALA A 180 -12.08 -10.29 -16.92
N ASP A 181 -12.71 -9.83 -18.01
CA ASP A 181 -12.00 -9.69 -19.29
C ASP A 181 -10.89 -8.65 -19.18
N TYR A 182 -11.18 -7.56 -18.49
CA TYR A 182 -10.22 -6.48 -18.24
C TYR A 182 -9.07 -7.01 -17.39
N LEU A 183 -9.40 -7.71 -16.30
CA LEU A 183 -8.40 -8.25 -15.39
C LEU A 183 -7.54 -9.34 -16.05
N ASN A 184 -8.16 -10.18 -16.88
CA ASN A 184 -7.43 -11.25 -17.57
C ASN A 184 -6.45 -10.70 -18.59
N LYS A 185 -6.81 -9.59 -19.22
CA LYS A 185 -5.93 -8.95 -20.20
C LYS A 185 -4.67 -8.51 -19.45
N LEU A 186 -4.87 -7.95 -18.26
CA LEU A 186 -3.79 -7.48 -17.40
C LEU A 186 -2.89 -8.65 -16.97
N ILE A 187 -3.52 -9.75 -16.54
CA ILE A 187 -2.78 -10.94 -16.12
C ILE A 187 -1.90 -11.46 -17.28
N ASP A 188 -2.49 -11.59 -18.46
CA ASP A 188 -1.75 -12.08 -19.62
C ASP A 188 -0.59 -11.17 -20.00
N ILE A 189 -0.76 -9.87 -19.73
CA ILE A 189 0.29 -8.90 -20.00
C ILE A 189 1.48 -9.17 -19.05
N GLY A 190 1.18 -9.65 -17.85
CA GLY A 190 2.24 -9.96 -16.90
C GLY A 190 2.00 -9.53 -15.47
N VAL A 191 0.86 -8.92 -15.21
CA VAL A 191 0.51 -8.47 -13.86
C VAL A 191 0.44 -9.67 -12.89
N ALA A 192 0.95 -9.48 -11.67
CA ALA A 192 0.98 -10.53 -10.67
C ALA A 192 -0.24 -10.60 -9.74
N GLY A 193 -0.98 -9.50 -9.64
CA GLY A 193 -2.13 -9.48 -8.76
C GLY A 193 -2.87 -8.16 -8.77
N PHE A 194 -3.83 -8.04 -7.86
CA PHE A 194 -4.67 -6.84 -7.81
C PHE A 194 -5.05 -6.34 -6.44
N ARG A 195 -5.20 -5.02 -6.37
CA ARG A 195 -5.68 -4.33 -5.18
C ARG A 195 -7.15 -4.16 -5.59
N ILE A 196 -8.07 -4.83 -4.91
CA ILE A 196 -9.48 -4.69 -5.26
C ILE A 196 -10.05 -3.47 -4.55
N ASP A 197 -10.19 -2.39 -5.31
CA ASP A 197 -10.70 -1.12 -4.80
C ASP A 197 -12.13 -1.21 -4.27
N ALA A 198 -12.39 -0.47 -3.19
CA ALA A 198 -13.72 -0.40 -2.56
C ALA A 198 -14.43 -1.75 -2.39
N SER A 199 -13.69 -2.76 -1.95
CA SER A 199 -14.22 -4.11 -1.75
C SER A 199 -15.38 -4.16 -0.76
N LYS A 200 -15.36 -3.24 0.21
CA LYS A 200 -16.41 -3.16 1.22
C LYS A 200 -17.77 -2.88 0.58
N HIS A 201 -17.73 -2.22 -0.58
CA HIS A 201 -18.93 -1.86 -1.32
C HIS A 201 -19.43 -2.88 -2.33
N MET A 202 -18.86 -4.08 -2.25
CA MET A 202 -19.27 -5.19 -3.11
C MET A 202 -19.48 -6.40 -2.20
N TRP A 203 -20.37 -7.29 -2.61
CA TRP A 203 -20.64 -8.51 -1.86
C TRP A 203 -19.46 -9.46 -2.04
N PRO A 204 -19.02 -10.11 -0.96
CA PRO A 204 -17.89 -11.05 -1.04
C PRO A 204 -18.11 -12.10 -2.13
N GLY A 205 -19.36 -12.54 -2.28
CA GLY A 205 -19.72 -13.53 -3.28
C GLY A 205 -19.61 -13.03 -4.71
N ASP A 206 -19.90 -11.74 -4.92
CA ASP A 206 -19.79 -11.17 -6.27
C ASP A 206 -18.32 -11.09 -6.65
N ILE A 207 -17.48 -10.67 -5.70
CA ILE A 207 -16.04 -10.57 -5.92
C ILE A 207 -15.51 -11.97 -6.26
N LYS A 208 -15.96 -12.96 -5.51
CA LYS A 208 -15.55 -14.35 -5.71
C LYS A 208 -15.89 -14.80 -7.14
N ALA A 209 -17.09 -14.45 -7.62
CA ALA A 209 -17.53 -14.83 -8.96
C ALA A 209 -16.63 -14.23 -10.05
N VAL A 210 -16.14 -13.02 -9.80
CA VAL A 210 -15.22 -12.37 -10.75
C VAL A 210 -13.87 -13.08 -10.71
N LEU A 211 -13.37 -13.29 -9.48
CA LEU A 211 -12.08 -13.95 -9.28
C LEU A 211 -11.98 -15.37 -9.84
N ASP A 212 -13.10 -16.08 -9.82
CA ASP A 212 -13.12 -17.45 -10.33
C ASP A 212 -12.90 -17.53 -11.84
N LYS A 213 -13.07 -16.41 -12.53
CA LYS A 213 -12.89 -16.34 -13.99
C LYS A 213 -11.46 -15.98 -14.41
N LEU A 214 -10.61 -15.67 -13.45
CA LEU A 214 -9.24 -15.24 -13.76
C LEU A 214 -8.24 -16.30 -14.18
N HIS A 215 -7.37 -15.89 -15.11
CA HIS A 215 -6.31 -16.75 -15.66
C HIS A 215 -5.19 -16.93 -14.63
N ASN A 216 -4.39 -17.98 -14.83
CA ASN A 216 -3.22 -18.21 -14.00
C ASN A 216 -2.20 -17.21 -14.53
N LEU A 217 -1.16 -16.92 -13.76
CA LEU A 217 -0.14 -15.96 -14.16
C LEU A 217 0.69 -16.39 -15.38
N ASN A 218 1.24 -15.41 -16.07
CA ASN A 218 2.05 -15.62 -17.27
C ASN A 218 3.31 -16.43 -16.94
N THR A 219 3.43 -17.61 -17.55
CA THR A 219 4.57 -18.50 -17.30
C THR A 219 5.94 -18.00 -17.77
N ASN A 220 5.97 -16.85 -18.44
CA ASN A 220 7.25 -16.28 -18.86
C ASN A 220 7.99 -15.84 -17.60
N TRP A 221 7.23 -15.52 -16.54
CA TRP A 221 7.81 -15.04 -15.28
C TRP A 221 7.38 -15.78 -14.02
N PHE A 222 6.28 -16.52 -14.10
CA PHE A 222 5.78 -17.24 -12.93
C PHE A 222 5.65 -18.73 -13.17
N PRO A 223 5.72 -19.55 -12.10
CA PRO A 223 5.60 -20.99 -12.24
C PRO A 223 4.18 -21.32 -12.72
N ALA A 224 4.02 -22.45 -13.40
CA ALA A 224 2.71 -22.87 -13.89
C ALA A 224 1.78 -23.04 -12.70
N GLY A 225 0.49 -22.76 -12.91
CA GLY A 225 -0.49 -22.91 -11.84
C GLY A 225 -0.53 -21.81 -10.81
N SER A 226 0.10 -20.67 -11.11
CA SER A 226 0.12 -19.55 -10.16
C SER A 226 -1.13 -18.68 -10.25
N ARG A 227 -1.79 -18.49 -9.12
N ARG A 227 -1.78 -18.49 -9.12
CA ARG A 227 -3.00 -17.68 -9.04
CA ARG A 227 -2.98 -17.67 -9.03
C ARG A 227 -2.61 -16.25 -8.67
C ARG A 227 -2.59 -16.25 -8.67
N PRO A 228 -3.27 -15.25 -9.27
CA PRO A 228 -2.95 -13.85 -8.97
C PRO A 228 -3.16 -13.48 -7.50
N PHE A 229 -2.23 -12.70 -6.97
CA PHE A 229 -2.29 -12.22 -5.60
C PHE A 229 -3.49 -11.28 -5.52
N ILE A 230 -4.32 -11.45 -4.50
CA ILE A 230 -5.50 -10.62 -4.32
C ILE A 230 -5.53 -9.98 -2.94
N PHE A 231 -5.53 -8.65 -2.89
CA PHE A 231 -5.66 -7.95 -1.62
C PHE A 231 -6.81 -6.95 -1.77
N GLN A 232 -7.88 -7.25 -1.04
CA GLN A 232 -9.10 -6.47 -1.04
C GLN A 232 -9.07 -5.30 -0.09
N GLU A 233 -9.34 -4.11 -0.61
N GLU A 233 -9.38 -4.12 -0.61
CA GLU A 233 -9.35 -2.90 0.22
CA GLU A 233 -9.42 -2.89 0.17
C GLU A 233 -10.69 -2.77 0.94
C GLU A 233 -10.73 -2.79 0.93
N VAL A 234 -10.70 -3.19 2.20
CA VAL A 234 -11.87 -3.12 3.04
C VAL A 234 -11.47 -2.31 4.26
N ILE A 235 -12.10 -1.17 4.45
CA ILE A 235 -11.80 -0.34 5.61
C ILE A 235 -12.68 -0.84 6.76
N ASP A 236 -12.05 -1.51 7.72
CA ASP A 236 -12.78 -2.01 8.89
C ASP A 236 -11.96 -1.82 10.16
N LEU A 237 -12.27 -0.74 10.88
CA LEU A 237 -11.59 -0.42 12.12
C LEU A 237 -12.30 -1.07 13.31
N GLY A 238 -13.23 -1.97 13.00
CA GLY A 238 -13.98 -2.66 14.03
C GLY A 238 -15.19 -1.89 14.49
N GLY A 239 -16.08 -2.57 15.22
CA GLY A 239 -17.28 -1.92 15.73
C GLY A 239 -18.31 -1.52 14.69
N GLU A 240 -18.33 -2.19 13.54
CA GLU A 240 -19.32 -1.89 12.51
C GLU A 240 -19.92 -3.14 11.88
N ALA A 241 -21.03 -2.96 11.17
CA ALA A 241 -21.77 -4.05 10.53
C ALA A 241 -20.94 -4.97 9.62
N ILE A 242 -20.17 -4.36 8.72
CA ILE A 242 -19.34 -5.13 7.79
C ILE A 242 -17.96 -5.40 8.39
N LYS A 243 -17.56 -6.66 8.34
CA LYS A 243 -16.27 -7.09 8.88
C LYS A 243 -15.33 -7.57 7.79
N SER A 244 -14.04 -7.33 7.97
N SER A 244 -14.03 -7.33 7.98
CA SER A 244 -13.02 -7.76 7.01
CA SER A 244 -13.01 -7.76 7.02
C SER A 244 -13.01 -9.28 6.82
C SER A 244 -13.04 -9.27 6.82
N SER A 245 -13.37 -10.01 7.87
CA SER A 245 -13.41 -11.47 7.82
C SER A 245 -14.37 -12.03 6.76
N GLU A 246 -15.36 -11.23 6.36
CA GLU A 246 -16.32 -11.64 5.33
C GLU A 246 -15.65 -11.85 3.97
N TYR A 247 -14.46 -11.27 3.81
CA TYR A 247 -13.71 -11.34 2.56
C TYR A 247 -12.50 -12.28 2.56
N PHE A 248 -12.27 -12.99 3.66
CA PHE A 248 -11.13 -13.92 3.77
C PHE A 248 -11.11 -15.04 2.74
N GLY A 249 -12.27 -15.43 2.23
CA GLY A 249 -12.33 -16.50 1.25
C GLY A 249 -11.89 -16.10 -0.15
N ASN A 250 -11.76 -14.79 -0.40
CA ASN A 250 -11.36 -14.29 -1.72
C ASN A 250 -9.87 -14.02 -1.87
N GLY A 251 -9.21 -13.77 -0.75
CA GLY A 251 -7.79 -13.48 -0.75
C GLY A 251 -7.47 -12.65 0.47
N ARG A 252 -6.36 -11.91 0.43
CA ARG A 252 -5.98 -11.07 1.56
C ARG A 252 -6.87 -9.83 1.64
N VAL A 253 -6.80 -9.15 2.79
CA VAL A 253 -7.59 -7.96 3.02
C VAL A 253 -6.68 -6.92 3.68
N THR A 254 -6.92 -5.65 3.36
CA THR A 254 -6.15 -4.56 3.94
C THR A 254 -6.53 -4.45 5.42
N GLU A 255 -5.54 -4.47 6.29
CA GLU A 255 -5.80 -4.34 7.71
C GLU A 255 -5.60 -2.89 8.12
N PHE A 256 -6.66 -2.09 8.03
CA PHE A 256 -6.59 -0.68 8.38
C PHE A 256 -6.41 -0.43 9.89
N LYS A 257 -6.71 -1.42 10.71
CA LYS A 257 -6.52 -1.28 12.16
C LYS A 257 -5.02 -1.12 12.43
N TYR A 258 -4.21 -1.73 11.58
CA TYR A 258 -2.76 -1.71 11.70
C TYR A 258 -2.14 -0.32 11.85
N GLY A 259 -2.30 0.52 10.81
CA GLY A 259 -1.75 1.87 10.83
C GLY A 259 -2.42 2.80 11.82
N ALA A 260 -3.72 2.61 12.03
CA ALA A 260 -4.48 3.44 12.97
C ALA A 260 -3.95 3.23 14.39
N LYS A 261 -3.86 1.96 14.80
CA LYS A 261 -3.35 1.62 16.13
C LYS A 261 -1.86 1.96 16.29
N LEU A 262 -1.06 1.64 15.27
CA LEU A 262 0.39 1.91 15.33
C LEU A 262 0.69 3.40 15.40
N GLY A 263 -0.04 4.18 14.60
CA GLY A 263 0.15 5.62 14.60
C GLY A 263 -0.18 6.21 15.97
N THR A 264 -1.28 5.74 16.55
CA THR A 264 -1.70 6.21 17.88
C THR A 264 -0.63 5.91 18.94
N VAL A 265 -0.07 4.70 18.86
CA VAL A 265 0.97 4.24 19.78
C VAL A 265 2.28 5.04 19.66
N VAL A 266 2.77 5.17 18.44
CA VAL A 266 4.03 5.90 18.19
C VAL A 266 3.89 7.39 18.54
N ARG A 267 2.70 7.95 18.37
CA ARG A 267 2.46 9.35 18.71
C ARG A 267 2.23 9.48 20.21
N LYS A 268 2.04 8.34 20.88
CA LYS A 268 1.79 8.30 22.32
C LYS A 268 0.48 9.02 22.69
N TRP A 269 -0.56 8.74 21.91
CA TRP A 269 -1.88 9.32 22.13
C TRP A 269 -2.75 8.34 22.89
N SER A 270 -3.78 8.85 23.55
CA SER A 270 -4.73 8.04 24.32
C SER A 270 -4.09 7.14 25.37
N GLY A 271 -2.93 7.56 25.87
CA GLY A 271 -2.22 6.79 26.88
C GLY A 271 -1.48 5.57 26.35
N GLU A 272 -1.40 5.46 25.03
CA GLU A 272 -0.72 4.32 24.40
C GLU A 272 0.79 4.41 24.51
N LYS A 273 1.43 3.24 24.64
CA LYS A 273 2.88 3.15 24.79
C LYS A 273 3.42 2.04 23.89
N MET A 274 4.66 2.17 23.44
CA MET A 274 5.28 1.17 22.59
C MET A 274 5.43 -0.18 23.27
N SER A 275 5.56 -0.18 24.60
CA SER A 275 5.69 -1.43 25.33
C SER A 275 4.45 -2.32 25.16
N TYR A 276 3.31 -1.70 24.82
CA TYR A 276 2.07 -2.44 24.61
C TYR A 276 2.10 -3.28 23.33
N LEU A 277 3.08 -3.01 22.47
CA LEU A 277 3.22 -3.72 21.19
C LEU A 277 3.79 -5.13 21.29
N LYS A 278 4.05 -5.62 22.50
CA LYS A 278 4.61 -6.95 22.68
C LYS A 278 3.79 -8.05 21.99
N ASN A 279 2.46 -7.94 22.08
CA ASN A 279 1.56 -8.90 21.46
C ASN A 279 0.94 -8.39 20.15
N TRP A 280 1.68 -7.51 19.46
CA TRP A 280 1.24 -6.93 18.19
C TRP A 280 0.81 -8.03 17.22
N GLY A 281 -0.26 -7.76 16.48
CA GLY A 281 -0.79 -8.74 15.54
C GLY A 281 -2.19 -9.16 15.97
N GLU A 282 -2.46 -10.46 15.96
CA GLU A 282 -3.78 -10.95 16.37
C GLU A 282 -4.08 -10.60 17.83
N GLY A 283 -3.03 -10.42 18.62
CA GLY A 283 -3.19 -10.06 20.02
C GLY A 283 -3.89 -8.72 20.16
N TRP A 284 -3.76 -7.88 19.13
CA TRP A 284 -4.40 -6.57 19.12
C TRP A 284 -5.76 -6.60 18.43
N GLY A 285 -6.29 -7.80 18.18
CA GLY A 285 -7.58 -7.94 17.54
C GLY A 285 -7.56 -7.88 16.02
N PHE A 286 -6.36 -7.99 15.43
CA PHE A 286 -6.22 -7.96 13.98
C PHE A 286 -6.59 -9.29 13.35
N MET A 287 -6.76 -9.28 12.02
CA MET A 287 -7.09 -10.47 11.25
C MET A 287 -5.86 -11.38 11.26
N PRO A 288 -6.01 -12.66 10.85
CA PRO A 288 -4.84 -13.56 10.84
C PRO A 288 -3.75 -12.96 9.93
N SER A 289 -2.50 -13.17 10.31
CA SER A 289 -1.36 -12.66 9.56
C SER A 289 -1.38 -13.09 8.09
N ASP A 290 -1.75 -14.34 7.84
CA ASP A 290 -1.79 -14.88 6.48
C ASP A 290 -2.93 -14.35 5.60
N ARG A 291 -3.73 -13.44 6.15
CA ARG A 291 -4.84 -12.84 5.41
C ARG A 291 -4.64 -11.34 5.32
N ALA A 292 -3.60 -10.83 5.96
CA ALA A 292 -3.36 -9.40 6.02
C ALA A 292 -2.36 -8.72 5.08
N LEU A 293 -2.75 -7.54 4.63
CA LEU A 293 -1.91 -6.67 3.82
C LEU A 293 -1.79 -5.47 4.76
N VAL A 294 -0.58 -5.25 5.29
CA VAL A 294 -0.37 -4.15 6.21
C VAL A 294 0.40 -2.96 5.65
N PHE A 295 0.25 -1.83 6.32
CA PHE A 295 0.87 -0.57 5.91
C PHE A 295 0.70 0.47 7.02
N VAL A 296 1.58 1.47 7.04
CA VAL A 296 1.50 2.54 8.03
C VAL A 296 0.46 3.56 7.54
N ASP A 297 0.55 3.92 6.26
CA ASP A 297 -0.38 4.86 5.64
C ASP A 297 -0.62 4.44 4.19
N ASN A 298 -1.74 4.91 3.62
CA ASN A 298 -2.06 4.65 2.22
C ASN A 298 -2.36 6.00 1.56
N HIS A 299 -2.65 5.99 0.27
CA HIS A 299 -2.91 7.24 -0.46
C HIS A 299 -4.08 8.06 0.09
N ASP A 300 -5.09 7.37 0.63
N ASP A 300 -5.08 7.37 0.63
CA ASP A 300 -6.27 8.02 1.19
CA ASP A 300 -6.27 8.01 1.16
C ASP A 300 -6.01 8.65 2.56
C ASP A 300 -6.06 8.63 2.55
N ASN A 301 -5.70 7.79 3.53
CA ASN A 301 -5.48 8.27 4.89
C ASN A 301 -4.26 9.14 5.19
N GLN A 302 -3.31 9.20 4.26
CA GLN A 302 -2.14 10.07 4.47
C GLN A 302 -2.59 11.53 4.36
N ARG A 303 -3.81 11.72 3.88
CA ARG A 303 -4.39 13.05 3.73
C ARG A 303 -5.13 13.55 4.98
N GLY A 304 -5.07 12.76 6.05
CA GLY A 304 -5.64 13.17 7.31
C GLY A 304 -7.06 12.83 7.73
N HIS A 305 -7.97 12.59 6.78
CA HIS A 305 -9.33 12.26 7.21
C HIS A 305 -9.87 10.95 6.67
N GLY A 306 -8.98 9.95 6.63
CA GLY A 306 -9.35 8.62 6.19
C GLY A 306 -9.37 7.71 7.41
N ALA A 307 -9.22 6.41 7.17
CA ALA A 307 -9.20 5.43 8.26
C ALA A 307 -7.98 5.71 9.12
N GLY A 308 -8.23 6.03 10.38
CA GLY A 308 -7.15 6.34 11.30
C GLY A 308 -7.10 7.82 11.61
N GLY A 309 -7.66 8.63 10.72
CA GLY A 309 -7.69 10.07 10.92
C GLY A 309 -6.33 10.71 11.12
N SER A 310 -6.25 11.61 12.11
CA SER A 310 -5.01 12.32 12.40
C SER A 310 -3.93 11.45 13.04
N SER A 311 -4.30 10.26 13.52
CA SER A 311 -3.31 9.37 14.15
C SER A 311 -2.37 8.76 13.12
N ILE A 312 -2.81 8.68 11.86
CA ILE A 312 -2.00 8.10 10.79
C ILE A 312 -0.70 8.89 10.60
N LEU A 313 0.43 8.18 10.63
CA LEU A 313 1.74 8.78 10.44
C LEU A 313 2.07 8.79 8.94
N THR A 314 2.67 9.88 8.48
CA THR A 314 3.01 10.04 7.06
C THR A 314 4.40 10.67 6.91
N PHE A 315 4.81 10.89 5.66
CA PHE A 315 6.11 11.51 5.38
C PHE A 315 6.21 12.91 5.98
N TRP A 316 5.07 13.53 6.26
CA TRP A 316 5.03 14.87 6.85
C TRP A 316 5.57 14.86 8.29
N ASP A 317 5.54 13.69 8.91
CA ASP A 317 6.04 13.50 10.28
C ASP A 317 7.18 12.49 10.15
N ALA A 318 8.15 12.82 9.29
CA ALA A 318 9.29 11.97 8.98
C ALA A 318 9.93 11.12 10.07
N ARG A 319 10.34 11.74 11.17
CA ARG A 319 11.00 11.01 12.26
C ARG A 319 10.18 9.87 12.85
N LEU A 320 8.96 10.17 13.27
CA LEU A 320 8.05 9.16 13.84
C LEU A 320 7.59 8.17 12.77
N TYR A 321 7.49 8.63 11.53
CA TYR A 321 7.07 7.79 10.42
C TYR A 321 8.08 6.68 10.17
N LYS A 322 9.37 7.03 10.20
CA LYS A 322 10.43 6.04 9.99
C LYS A 322 10.42 5.01 11.11
N ILE A 323 10.08 5.44 12.32
CA ILE A 323 10.00 4.55 13.48
C ILE A 323 8.87 3.53 13.27
N ALA A 324 7.70 4.03 12.85
CA ALA A 324 6.54 3.20 12.61
C ALA A 324 6.77 2.22 11.46
N VAL A 325 7.35 2.72 10.37
CA VAL A 325 7.65 1.90 9.20
C VAL A 325 8.70 0.84 9.55
N GLY A 326 9.68 1.24 10.37
CA GLY A 326 10.73 0.32 10.78
C GLY A 326 10.18 -0.81 11.64
N PHE A 327 9.27 -0.48 12.54
CA PHE A 327 8.65 -1.48 13.41
C PHE A 327 7.87 -2.47 12.56
N MET A 328 7.09 -1.94 11.62
CA MET A 328 6.29 -2.75 10.72
C MET A 328 7.12 -3.71 9.89
N LEU A 329 8.17 -3.19 9.26
CA LEU A 329 9.05 -4.00 8.41
C LEU A 329 9.87 -5.04 9.17
N ALA A 330 10.07 -4.83 10.46
CA ALA A 330 10.80 -5.79 11.28
C ALA A 330 9.87 -6.89 11.84
N HIS A 331 8.63 -6.52 12.13
CA HIS A 331 7.65 -7.45 12.70
C HIS A 331 7.11 -8.44 11.67
N PRO A 332 7.04 -9.74 12.03
CA PRO A 332 6.55 -10.78 11.12
C PRO A 332 5.10 -10.72 10.65
N TYR A 333 4.26 -9.96 11.35
CA TYR A 333 2.84 -9.87 10.98
C TYR A 333 2.54 -9.24 9.62
N GLY A 334 1.71 -9.95 8.84
CA GLY A 334 1.26 -9.51 7.53
C GLY A 334 2.24 -9.31 6.41
N PHE A 335 1.70 -9.00 5.23
CA PHE A 335 2.52 -8.73 4.05
C PHE A 335 2.56 -7.20 3.95
N THR A 336 3.76 -6.66 3.96
CA THR A 336 3.98 -5.21 3.95
C THR A 336 3.96 -4.42 2.65
N ARG A 337 3.24 -3.29 2.68
CA ARG A 337 3.15 -2.37 1.55
C ARG A 337 3.69 -1.02 2.02
N VAL A 338 4.74 -0.56 1.37
CA VAL A 338 5.39 0.71 1.66
C VAL A 338 4.77 1.79 0.78
N MET A 339 4.54 2.97 1.35
CA MET A 339 3.94 4.09 0.61
C MET A 339 5.02 4.96 -0.04
N SER A 340 4.71 5.51 -1.21
CA SER A 340 5.61 6.41 -1.91
C SER A 340 4.70 7.52 -2.44
N SER A 341 4.91 8.73 -1.94
CA SER A 341 4.05 9.86 -2.25
C SER A 341 4.67 11.05 -2.97
N TYR A 342 3.85 12.09 -3.11
CA TYR A 342 4.27 13.36 -3.68
C TYR A 342 3.79 14.43 -2.69
N ARG A 343 4.52 15.53 -2.62
CA ARG A 343 4.16 16.63 -1.73
C ARG A 343 3.09 17.48 -2.36
N TRP A 344 2.28 18.11 -1.51
CA TRP A 344 1.23 19.02 -1.96
C TRP A 344 1.07 20.08 -0.88
N ALA A 345 0.49 21.21 -1.25
CA ALA A 345 0.29 22.32 -0.32
C ALA A 345 -0.90 22.06 0.59
N ARG A 346 -0.62 21.68 1.83
CA ARG A 346 -1.68 21.42 2.80
C ARG A 346 -2.22 22.73 3.37
N ASN A 347 -3.51 22.74 3.66
CA ASN A 347 -4.19 23.90 4.22
C ASN A 347 -5.33 23.39 5.11
N PHE A 348 -5.02 23.19 6.38
CA PHE A 348 -5.99 22.71 7.35
C PHE A 348 -6.88 23.83 7.87
N VAL A 349 -8.18 23.68 7.66
CA VAL A 349 -9.17 24.63 8.16
C VAL A 349 -10.13 23.79 8.99
N ASN A 350 -10.26 24.14 10.27
CA ASN A 350 -11.12 23.41 11.20
C ASN A 350 -10.71 21.94 11.32
N GLY A 351 -9.40 21.71 11.28
CA GLY A 351 -8.86 20.36 11.40
C GLY A 351 -8.86 19.51 10.15
N GLU A 352 -9.25 20.06 9.01
CA GLU A 352 -9.28 19.28 7.78
C GLU A 352 -8.59 19.99 6.60
N ASP A 353 -7.81 19.23 5.85
CA ASP A 353 -7.07 19.75 4.70
C ASP A 353 -7.98 19.95 3.50
N VAL A 354 -8.25 21.22 3.16
CA VAL A 354 -9.11 21.52 2.02
C VAL A 354 -8.38 21.39 0.68
N ASN A 355 -7.07 21.18 0.74
CA ASN A 355 -6.25 21.01 -0.46
C ASN A 355 -5.87 19.54 -0.68
N ASP A 356 -6.55 18.64 0.03
CA ASP A 356 -6.29 17.21 -0.06
C ASP A 356 -6.60 16.59 -1.43
N TRP A 357 -7.23 17.36 -2.30
CA TRP A 357 -7.59 16.92 -3.65
C TRP A 357 -6.43 17.06 -4.63
N ILE A 358 -5.46 17.91 -4.31
CA ILE A 358 -4.32 18.18 -5.18
C ILE A 358 -3.72 16.93 -5.82
N GLY A 359 -3.69 16.94 -7.16
CA GLY A 359 -3.14 15.84 -7.92
C GLY A 359 -1.62 15.83 -7.93
N PRO A 360 -1.03 14.80 -8.55
CA PRO A 360 0.44 14.64 -8.64
C PRO A 360 1.15 15.82 -9.31
N PRO A 361 2.47 15.94 -9.07
CA PRO A 361 3.29 17.01 -9.65
C PRO A 361 3.03 17.01 -11.15
N ASN A 362 2.72 18.17 -11.70
CA ASN A 362 2.40 18.25 -13.12
C ASN A 362 2.69 19.61 -13.75
N ASN A 363 2.78 19.60 -15.07
CA ASN A 363 2.98 20.80 -15.85
C ASN A 363 1.72 20.87 -16.71
N ASN A 364 0.77 21.69 -16.24
CA ASN A 364 -0.49 21.90 -16.95
C ASN A 364 -1.29 20.61 -17.19
N GLY A 365 -1.36 19.76 -16.17
CA GLY A 365 -2.10 18.51 -16.27
C GLY A 365 -1.26 17.30 -16.66
N VAL A 366 -0.06 17.54 -17.21
CA VAL A 366 0.83 16.46 -17.61
C VAL A 366 1.72 16.08 -16.42
N ILE A 367 1.59 14.84 -15.94
CA ILE A 367 2.38 14.37 -14.81
C ILE A 367 3.88 14.47 -15.06
N LYS A 368 4.61 15.01 -14.09
CA LYS A 368 6.05 15.17 -14.20
C LYS A 368 6.81 13.85 -14.06
N GLU A 369 7.95 13.78 -14.72
CA GLU A 369 8.79 12.59 -14.66
C GLU A 369 9.43 12.57 -13.27
N VAL A 370 9.92 11.41 -12.87
CA VAL A 370 10.58 11.28 -11.58
C VAL A 370 12.07 11.43 -11.82
N THR A 371 12.64 12.54 -11.36
CA THR A 371 14.07 12.78 -11.53
C THR A 371 14.82 12.26 -10.32
N ILE A 372 15.97 11.64 -10.55
CA ILE A 372 16.79 11.10 -9.47
C ILE A 372 18.01 11.98 -9.25
N ASN A 373 18.21 12.42 -8.01
CA ASN A 373 19.34 13.27 -7.65
C ASN A 373 20.55 12.41 -7.30
N ALA A 374 21.73 13.04 -7.24
CA ALA A 374 22.97 12.34 -6.91
C ALA A 374 22.93 11.64 -5.54
N ASP A 375 22.21 12.21 -4.59
CA ASP A 375 22.10 11.62 -3.25
C ASP A 375 21.00 10.56 -3.14
N THR A 376 20.47 10.15 -4.30
CA THR A 376 19.41 9.14 -4.45
C THR A 376 18.00 9.59 -4.12
N THR A 377 17.83 10.87 -3.78
CA THR A 377 16.49 11.39 -3.49
C THR A 377 15.84 11.73 -4.83
N CYS A 378 14.57 12.13 -4.82
CA CYS A 378 13.89 12.47 -6.05
C CYS A 378 13.58 13.96 -6.16
N GLY A 379 13.44 14.43 -7.39
CA GLY A 379 13.10 15.82 -7.63
C GLY A 379 11.63 15.89 -8.04
N ASN A 380 11.21 17.07 -8.47
CA ASN A 380 9.83 17.31 -8.93
C ASN A 380 8.73 17.05 -7.90
N ASP A 381 9.10 17.14 -6.63
CA ASP A 381 8.19 16.94 -5.50
C ASP A 381 7.68 15.52 -5.25
N TRP A 382 8.39 14.54 -5.81
CA TRP A 382 8.07 13.15 -5.55
C TRP A 382 8.87 12.87 -4.27
N VAL A 383 8.16 12.50 -3.20
CA VAL A 383 8.81 12.25 -1.91
C VAL A 383 9.77 11.07 -1.90
N CYS A 384 9.40 9.99 -2.60
CA CYS A 384 10.24 8.79 -2.67
C CYS A 384 10.69 8.26 -1.32
N GLU A 385 9.72 8.00 -0.43
CA GLU A 385 10.03 7.47 0.90
C GLU A 385 10.74 6.13 0.78
N HIS A 386 10.40 5.38 -0.27
CA HIS A 386 11.01 4.07 -0.50
C HIS A 386 12.50 4.16 -0.77
N ARG A 387 12.99 5.39 -1.01
CA ARG A 387 14.40 5.64 -1.25
C ARG A 387 15.14 6.15 -0.01
N TRP A 388 14.41 6.49 1.05
CA TRP A 388 15.05 6.93 2.29
C TRP A 388 15.85 5.73 2.80
N ARG A 389 17.10 5.96 3.22
CA ARG A 389 17.95 4.87 3.71
C ARG A 389 17.29 4.03 4.80
N GLU A 390 16.67 4.71 5.75
CA GLU A 390 15.99 4.08 6.89
C GLU A 390 14.87 3.14 6.48
N ILE A 391 14.22 3.43 5.36
CA ILE A 391 13.14 2.59 4.87
C ILE A 391 13.67 1.52 3.92
N ARG A 392 14.53 1.93 3.00
CA ARG A 392 15.15 1.03 2.03
C ARG A 392 15.85 -0.14 2.74
N ASN A 393 16.63 0.17 3.77
CA ASN A 393 17.36 -0.85 4.51
C ASN A 393 16.47 -1.74 5.36
N MET A 394 15.30 -1.24 5.75
CA MET A 394 14.37 -2.07 6.52
C MET A 394 13.61 -3.00 5.60
N VAL A 395 13.53 -2.62 4.32
CA VAL A 395 12.89 -3.45 3.29
C VAL A 395 13.83 -4.65 3.09
N TRP A 396 15.13 -4.38 3.08
CA TRP A 396 16.14 -5.42 2.93
C TRP A 396 16.15 -6.29 4.19
N PHE A 397 16.02 -5.65 5.35
CA PHE A 397 15.97 -6.34 6.66
C PHE A 397 14.88 -7.41 6.61
N ARG A 398 13.68 -7.04 6.15
CA ARG A 398 12.57 -7.97 6.09
C ARG A 398 12.87 -9.19 5.22
N ASN A 399 13.58 -8.99 4.11
CA ASN A 399 13.95 -10.08 3.20
C ASN A 399 14.91 -11.02 3.94
N VAL A 400 15.94 -10.44 4.57
CA VAL A 400 16.95 -11.20 5.30
C VAL A 400 16.40 -12.10 6.41
N VAL A 401 15.43 -11.60 7.17
CA VAL A 401 14.86 -12.34 8.29
C VAL A 401 13.60 -13.13 7.95
N ASP A 402 13.24 -13.18 6.67
CA ASP A 402 12.05 -13.90 6.21
C ASP A 402 12.00 -15.34 6.76
N GLY A 403 10.89 -15.67 7.41
CA GLY A 403 10.72 -17.01 7.96
C GLY A 403 11.16 -17.18 9.42
N GLN A 404 11.92 -16.21 9.93
CA GLN A 404 12.41 -16.26 11.31
C GLN A 404 11.32 -15.78 12.27
N PRO A 405 11.16 -16.45 13.42
CA PRO A 405 10.14 -16.08 14.40
C PRO A 405 10.43 -14.86 15.26
N PHE A 406 9.36 -14.24 15.74
CA PHE A 406 9.42 -13.10 16.64
C PHE A 406 10.12 -13.65 17.88
N ALA A 407 11.15 -12.96 18.37
CA ALA A 407 11.89 -13.45 19.53
C ALA A 407 12.59 -12.35 20.28
N ASN A 408 13.08 -12.69 21.48
CA ASN A 408 13.83 -11.77 22.32
C ASN A 408 13.22 -10.39 22.51
N TRP A 409 11.94 -10.35 22.86
CA TRP A 409 11.28 -9.08 23.10
C TRP A 409 11.75 -8.49 24.41
N TRP A 410 11.90 -7.17 24.43
CA TRP A 410 12.30 -6.44 25.63
C TRP A 410 11.63 -5.08 25.60
N ASP A 411 11.29 -4.56 26.77
CA ASP A 411 10.69 -3.23 26.90
C ASP A 411 11.00 -2.69 28.29
N ASN A 412 11.02 -1.36 28.41
CA ASN A 412 11.31 -0.70 29.67
C ASN A 412 10.03 -0.33 30.44
N GLY A 413 8.91 -0.90 30.03
CA GLY A 413 7.63 -0.62 30.68
C GLY A 413 7.01 0.70 30.20
N SER A 414 7.68 1.36 29.26
CA SER A 414 7.19 2.64 28.74
C SER A 414 7.24 2.68 27.21
N ASN A 415 8.21 3.40 26.63
CA ASN A 415 8.31 3.50 25.16
C ASN A 415 9.62 3.04 24.53
N GLN A 416 10.40 2.26 25.26
CA GLN A 416 11.65 1.71 24.74
C GLN A 416 11.42 0.21 24.60
N VAL A 417 11.53 -0.29 23.38
CA VAL A 417 11.30 -1.70 23.11
C VAL A 417 12.34 -2.25 22.15
N ALA A 418 12.39 -3.57 22.06
CA ALA A 418 13.32 -4.25 21.18
C ALA A 418 12.85 -5.67 20.94
N PHE A 419 13.21 -6.22 19.80
CA PHE A 419 12.87 -7.60 19.46
C PHE A 419 13.69 -8.07 18.27
N GLY A 420 13.79 -9.37 18.12
CA GLY A 420 14.54 -9.93 17.03
C GLY A 420 13.70 -10.87 16.19
N ARG A 421 14.32 -11.39 15.15
CA ARG A 421 13.69 -12.32 14.23
C ARG A 421 14.64 -13.51 14.18
N GLY A 422 14.37 -14.51 15.02
CA GLY A 422 15.21 -15.69 15.09
C GLY A 422 16.64 -15.29 15.40
N ASN A 423 17.58 -15.77 14.58
CA ASN A 423 18.99 -15.45 14.77
C ASN A 423 19.51 -14.62 13.60
N ARG A 424 18.59 -13.98 12.86
CA ARG A 424 18.99 -13.19 11.70
C ARG A 424 18.82 -11.68 11.76
N GLY A 425 18.11 -11.18 12.76
CA GLY A 425 17.92 -9.74 12.85
C GLY A 425 17.45 -9.28 14.21
N PHE A 426 17.74 -8.02 14.53
CA PHE A 426 17.36 -7.43 15.81
C PHE A 426 17.15 -5.93 15.61
N ILE A 427 16.18 -5.37 16.31
CA ILE A 427 15.86 -3.96 16.19
C ILE A 427 15.52 -3.37 17.58
N VAL A 428 15.98 -2.15 17.84
CA VAL A 428 15.80 -1.48 19.12
C VAL A 428 15.27 -0.06 18.91
N PHE A 429 14.24 0.31 19.68
CA PHE A 429 13.61 1.62 19.57
C PHE A 429 13.60 2.39 20.89
N ASN A 430 13.77 3.71 20.79
CA ASN A 430 13.68 4.57 21.96
C ASN A 430 12.68 5.67 21.62
N ASN A 431 11.45 5.52 22.07
CA ASN A 431 10.43 6.53 21.80
C ASN A 431 10.02 7.23 23.09
N ASP A 432 10.91 7.21 24.08
CA ASP A 432 10.68 7.88 25.35
C ASP A 432 11.40 9.21 25.35
N ASP A 433 11.05 10.08 26.29
CA ASP A 433 11.68 11.39 26.40
C ASP A 433 12.93 11.38 27.28
N TRP A 434 13.67 10.28 27.24
CA TRP A 434 14.91 10.12 27.99
C TRP A 434 15.80 9.09 27.31
N GLN A 435 17.03 9.00 27.77
CA GLN A 435 18.04 8.09 27.21
C GLN A 435 17.76 6.59 27.31
N LEU A 436 18.17 5.88 26.26
CA LEU A 436 18.06 4.43 26.21
C LEU A 436 19.52 3.98 26.32
N SER A 437 19.82 3.16 27.31
CA SER A 437 21.16 2.62 27.50
C SER A 437 21.00 1.28 28.19
N SER A 438 20.97 0.22 27.39
CA SER A 438 20.79 -1.13 27.92
C SER A 438 21.55 -2.17 27.13
N THR A 439 21.93 -3.24 27.82
CA THR A 439 22.62 -4.35 27.19
C THR A 439 21.53 -5.41 27.04
N LEU A 440 21.19 -5.71 25.80
CA LEU A 440 20.12 -6.66 25.48
C LEU A 440 20.55 -7.90 24.72
N GLN A 441 19.77 -8.96 24.88
CA GLN A 441 20.01 -10.21 24.17
C GLN A 441 19.43 -10.01 22.77
N THR A 442 20.28 -10.12 21.76
CA THR A 442 19.87 -9.92 20.37
C THR A 442 19.46 -11.21 19.65
N GLY A 443 19.93 -12.34 20.15
CA GLY A 443 19.66 -13.62 19.53
C GLY A 443 20.56 -13.85 18.32
N LEU A 444 21.48 -12.92 18.07
CA LEU A 444 22.39 -12.99 16.94
C LEU A 444 23.79 -13.51 17.30
N PRO A 445 24.48 -14.13 16.34
CA PRO A 445 25.84 -14.66 16.57
C PRO A 445 26.74 -13.47 16.91
N GLY A 446 27.77 -13.72 17.73
CA GLY A 446 28.69 -12.65 18.10
C GLY A 446 29.39 -12.07 16.90
N GLY A 447 29.70 -10.78 16.96
CA GLY A 447 30.39 -10.12 15.87
C GLY A 447 30.05 -8.65 15.82
N THR A 448 30.57 -7.95 14.82
CA THR A 448 30.30 -6.52 14.67
C THR A 448 29.30 -6.33 13.53
N TYR A 449 28.19 -5.66 13.81
CA TYR A 449 27.14 -5.42 12.84
C TYR A 449 26.95 -3.94 12.53
N CYS A 450 26.72 -3.62 11.26
CA CYS A 450 26.48 -2.24 10.87
C CYS A 450 25.02 -1.91 11.13
N ASP A 451 24.77 -0.76 11.77
CA ASP A 451 23.39 -0.33 12.00
C ASP A 451 22.92 0.14 10.63
N VAL A 452 21.87 -0.49 10.12
CA VAL A 452 21.37 -0.13 8.79
C VAL A 452 20.41 1.07 8.79
N ILE A 453 20.19 1.64 9.95
CA ILE A 453 19.32 2.80 10.05
C ILE A 453 20.16 4.06 9.85
N SER A 454 21.30 4.13 10.52
CA SER A 454 22.18 5.28 10.42
C SER A 454 23.18 5.15 9.27
N GLY A 455 23.37 3.93 8.76
CA GLY A 455 24.32 3.73 7.69
C GLY A 455 24.17 2.43 6.92
N ASP A 456 25.28 1.99 6.33
CA ASP A 456 25.31 0.76 5.53
C ASP A 456 26.64 0.04 5.69
N LYS A 457 26.66 -1.24 5.30
CA LYS A 457 27.88 -2.02 5.32
C LYS A 457 28.48 -1.79 3.93
N VAL A 458 29.65 -1.17 3.88
CA VAL A 458 30.32 -0.92 2.61
C VAL A 458 31.66 -1.62 2.68
N GLY A 459 31.79 -2.70 1.94
CA GLY A 459 33.02 -3.47 1.94
C GLY A 459 33.15 -4.12 3.31
N ASN A 460 34.27 -3.87 3.97
CA ASN A 460 34.54 -4.44 5.29
C ASN A 460 34.37 -3.41 6.40
N SER A 461 33.53 -2.41 6.16
CA SER A 461 33.29 -1.37 7.16
C SER A 461 31.84 -0.89 7.18
N CYS A 462 31.52 -0.07 8.18
CA CYS A 462 30.19 0.50 8.34
C CYS A 462 30.31 2.01 8.17
N THR A 463 29.33 2.62 7.51
CA THR A 463 29.34 4.06 7.32
C THR A 463 28.69 4.79 8.49
N GLY A 464 27.90 4.06 9.29
CA GLY A 464 27.25 4.65 10.44
C GLY A 464 27.62 3.97 11.75
N ILE A 465 26.63 3.82 12.62
CA ILE A 465 26.83 3.17 13.92
C ILE A 465 27.17 1.69 13.78
N LYS A 466 28.09 1.22 14.62
CA LYS A 466 28.49 -0.18 14.64
C LYS A 466 27.99 -0.80 15.95
N VAL A 467 27.50 -2.03 15.90
CA VAL A 467 27.00 -2.71 17.08
C VAL A 467 27.85 -3.95 17.36
N TYR A 468 28.55 -3.93 18.49
CA TYR A 468 29.38 -5.07 18.86
C TYR A 468 28.58 -6.06 19.71
N VAL A 469 28.34 -7.23 19.14
CA VAL A 469 27.59 -8.27 19.81
C VAL A 469 28.56 -9.28 20.44
N SER A 470 28.38 -9.48 21.74
CA SER A 470 29.18 -10.41 22.51
C SER A 470 28.98 -11.86 22.06
N SER A 471 29.84 -12.74 22.55
CA SER A 471 29.77 -14.16 22.23
C SER A 471 28.43 -14.75 22.70
N ASP A 472 27.88 -14.21 23.78
CA ASP A 472 26.61 -14.70 24.31
C ASP A 472 25.38 -14.08 23.65
N GLY A 473 25.60 -13.26 22.63
CA GLY A 473 24.49 -12.62 21.92
C GLY A 473 24.03 -11.27 22.42
N THR A 474 24.60 -10.78 23.52
CA THR A 474 24.20 -9.48 24.05
C THR A 474 24.99 -8.32 23.44
N ALA A 475 24.40 -7.13 23.49
CA ALA A 475 25.04 -5.94 22.95
C ALA A 475 24.43 -4.71 23.62
N GLN A 476 25.23 -3.67 23.78
CA GLN A 476 24.73 -2.44 24.37
C GLN A 476 24.17 -1.54 23.27
N PHE A 477 23.03 -0.94 23.56
CA PHE A 477 22.38 -0.03 22.65
C PHE A 477 22.18 1.27 23.41
N SER A 478 22.80 2.34 22.91
CA SER A 478 22.70 3.64 23.54
C SER A 478 22.08 4.58 22.52
N ILE A 479 20.82 4.95 22.75
CA ILE A 479 20.08 5.82 21.86
C ILE A 479 19.50 7.00 22.63
N SER A 480 19.90 8.21 22.25
CA SER A 480 19.39 9.40 22.90
C SER A 480 18.01 9.73 22.35
N ASN A 481 17.17 10.32 23.19
CA ASN A 481 15.82 10.71 22.77
C ASN A 481 15.90 11.86 21.76
N SER A 482 17.08 12.46 21.62
CA SER A 482 17.28 13.55 20.68
C SER A 482 17.92 13.10 19.36
N ALA A 483 18.14 11.79 19.21
CA ALA A 483 18.72 11.26 17.97
C ALA A 483 17.75 11.49 16.82
N GLU A 484 18.28 11.80 15.64
CA GLU A 484 17.44 12.04 14.46
C GLU A 484 16.56 10.84 14.15
N ASP A 485 17.15 9.64 14.30
CA ASP A 485 16.44 8.37 14.09
C ASP A 485 16.70 7.58 15.36
N PRO A 486 15.76 7.63 16.32
CA PRO A 486 15.89 6.91 17.60
C PRO A 486 15.69 5.40 17.57
N PHE A 487 16.28 4.74 16.58
CA PHE A 487 16.21 3.28 16.49
C PHE A 487 17.38 2.71 15.72
N ILE A 488 17.78 1.51 16.12
CA ILE A 488 18.91 0.80 15.52
C ILE A 488 18.45 -0.58 15.06
N ALA A 489 18.92 -0.99 13.88
CA ALA A 489 18.56 -2.30 13.32
C ALA A 489 19.79 -2.96 12.71
N ILE A 490 19.98 -4.24 13.03
CA ILE A 490 21.10 -5.01 12.53
C ILE A 490 20.60 -6.37 12.06
N HIS A 491 21.25 -6.94 11.06
CA HIS A 491 20.85 -8.25 10.55
C HIS A 491 22.06 -9.04 10.03
N ALA A 492 21.82 -10.30 9.70
CA ALA A 492 22.87 -11.21 9.22
C ALA A 492 23.72 -10.65 8.08
N GLU A 493 23.10 -9.92 7.16
CA GLU A 493 23.84 -9.36 6.04
C GLU A 493 24.53 -8.00 6.29
N SER A 494 24.38 -7.46 7.51
CA SER A 494 25.05 -6.20 7.85
C SER A 494 26.25 -6.52 8.75
N LYS A 495 26.50 -7.81 8.98
CA LYS A 495 27.61 -8.25 9.80
C LYS A 495 28.94 -8.16 9.07
N LEU A 496 29.94 -7.61 9.76
CA LEU A 496 31.29 -7.46 9.22
C LEU A 496 32.02 -8.81 9.20
C2 BGC B . -10.31 4.37 -2.74
C3 BGC B . -10.59 5.87 -2.69
C4 BGC B . -11.77 6.22 -3.63
C5 BGC B . -12.97 5.23 -3.52
C6 BGC B . -13.77 5.24 -4.80
C1 BGC B . -11.59 3.67 -2.32
O1 BGC B . -11.36 2.31 -2.19
O2 BGC B . -9.24 4.02 -1.89
O3 BGC B . -9.43 6.58 -3.09
O4 BGC B . -12.27 7.62 -3.28
O5 BGC B . -12.57 3.85 -3.33
O6 BGC B . -13.10 4.47 -5.79
C1 GLC B . -11.64 8.71 -3.94
C2 GLC B . -11.83 10.02 -3.12
C3 GLC B . -13.25 10.57 -3.20
C4 GLC B . -13.69 10.66 -4.65
C5 GLC B . -13.58 9.28 -5.27
C6 GLC B . -14.07 9.22 -6.71
O2 GLC B . -11.50 9.83 -1.74
O3 GLC B . -13.31 11.86 -2.61
O4 GLC B . -15.05 11.13 -4.73
O5 GLC B . -12.20 8.86 -5.24
O6 GLC B . -13.46 10.23 -7.50
C1 GLC B . -15.30 12.17 -5.64
C2 GLC B . -15.75 13.43 -4.91
C3 GLC B . -17.19 13.29 -4.44
C4 GLC B . -18.08 12.98 -5.64
C5 GLC B . -17.60 11.71 -6.35
C6 GLC B . -18.37 11.40 -7.62
O2 GLC B . -14.90 13.68 -3.79
O3 GLC B . -17.61 14.50 -3.82
O4 GLC B . -19.43 12.82 -5.22
O5 GLC B . -16.20 11.82 -6.71
O6 GLC B . -18.42 12.51 -8.50
C2 BGC C . -3.39 -1.20 30.29
C3 BGC C . -3.91 -1.24 28.86
C4 BGC C . -3.10 -2.19 27.98
C5 BGC C . -3.00 -3.56 28.66
C6 BGC C . -2.14 -4.55 27.90
C1 BGC C . -3.26 -2.62 30.84
O1 BGC C . -2.67 -2.60 32.08
O2 BGC C . -4.31 -0.47 31.10
O3 BGC C . -3.87 0.07 28.29
O4 BGC C . -3.78 -2.34 26.71
O5 BGC C . -2.43 -3.41 29.97
O6 BGC C . -0.91 -3.97 27.51
C1 GLC C . -3.00 -2.21 25.54
C2 GLC C . -3.56 -1.10 24.66
C3 GLC C . -4.81 -1.57 23.91
C4 GLC C . -4.58 -2.91 23.18
C5 GLC C . -3.97 -3.94 24.12
C6 GLC C . -3.55 -5.22 23.43
O2 GLC C . -3.88 0.03 25.46
O3 GLC C . -5.19 -0.57 22.97
O4 GLC C . -5.85 -3.39 22.73
O5 GLC C . -2.80 -3.42 24.81
O6 GLC C . -2.97 -6.13 24.35
C1 GLC C . -5.94 -3.93 21.44
C2 GLC C . -6.81 -3.07 20.54
C3 GLC C . -8.28 -3.23 20.96
C4 GLC C . -8.68 -4.70 20.88
C5 GLC C . -7.73 -5.59 21.70
C6 GLC C . -7.95 -7.08 21.47
O2 GLC C . -6.43 -1.70 20.64
O3 GLC C . -9.11 -2.45 20.09
O4 GLC C . -10.00 -4.85 21.39
O5 GLC C . -6.33 -5.31 21.39
O6 GLC C . -6.94 -7.83 22.12
C2 BGC D . 13.74 12.12 5.96
C3 BGC D . 15.21 11.76 5.81
C4 BGC D . 15.54 11.49 4.33
C5 BGC D . 15.09 12.68 3.47
C6 BGC D . 15.32 12.46 1.97
C1 BGC D . 13.38 13.27 5.01
O1 BGC D . 12.02 13.53 5.09
O2 BGC D . 13.48 12.52 7.31
O3 BGC D . 15.51 10.60 6.58
O4 BGC D . 16.97 11.30 4.17
O5 BGC D . 13.68 12.91 3.66
O6 BGC D . 14.58 13.40 1.20
C1 GLC D . 17.44 9.97 4.14
C2 GLC D . 18.75 9.86 4.88
C3 GLC D . 19.86 10.49 4.05
C4 GLC D . 19.94 9.79 2.68
C5 GLC D . 18.59 9.82 1.96
C6 GLC D . 18.57 8.92 0.73
O2 GLC D . 18.64 10.53 6.13
O3 GLC D . 21.11 10.40 4.73
O4 GLC D . 20.91 10.45 1.87
O5 GLC D . 17.51 9.36 2.83
O6 GLC D . 18.58 7.54 1.10
CL CL E . -5.45 0.75 0.21
CA CA F . -21.54 -1.62 -4.93
C1 EDO G . 29.42 -0.72 20.10
O1 EDO G . 28.34 -1.62 20.17
C2 EDO G . 30.32 -0.91 21.32
O2 EDO G . 29.55 -0.71 22.50
C1 EDO H . 25.56 1.77 19.81
O1 EDO H . 25.13 1.94 21.15
C2 EDO H . 25.19 0.39 19.30
O2 EDO H . 25.94 -0.60 20.01
C1 EDO I . -17.03 15.05 -10.47
O1 EDO I . -16.38 14.23 -9.51
C2 EDO I . -17.70 14.19 -11.53
O2 EDO I . -16.72 13.53 -12.31
C1 EDO J . 20.36 5.51 -7.95
O1 EDO J . 19.61 6.00 -6.86
C2 EDO J . 19.46 4.71 -8.89
O2 EDO J . 18.42 5.55 -9.37
C1 EDO K . -7.96 -16.30 -7.99
O1 EDO K . -9.07 -15.78 -8.69
C2 EDO K . -7.03 -15.19 -7.63
O2 EDO K . -5.88 -15.72 -7.02
C1 EDO L . -6.28 13.47 -20.74
O1 EDO L . -5.89 13.17 -19.41
C2 EDO L . -5.29 14.47 -21.35
O2 EDO L . -5.37 15.71 -20.66
#